data_6BFV
#
_entry.id   6BFV
#
_cell.length_a   98.640
_cell.length_b   98.640
_cell.length_c   98.640
_cell.angle_alpha   90.00
_cell.angle_beta   90.00
_cell.angle_gamma   90.00
#
_symmetry.space_group_name_H-M   'P 21 3'
#
loop_
_entity.id
_entity.type
_entity.pdbx_description
1 polymer 'Purine nucleoside phosphorylase'
2 non-polymer 'DIMETHYL SULFOXIDE'
3 non-polymer 5-fluoropyrimidin-2-ol
4 water water
#
_entity_poly.entity_id   1
_entity_poly.type   'polypeptide(L)'
_entity_poly.pdbx_seq_one_letter_code
;MTTPVVANYENASMAADYIKRVSNVLPDIGII(CME)GSGLGKLIEEIEERKVIPYINIPNFPKTTVAGHVGNLVLGSVG
GRKIVAMQGRLHMYEGYSNQEIALPIRVMKLLGVRVLLITNLAGGINRKLKSGDFVLIKGHINFPGLGLNNVLVGPNQDE
FGPRFPDLSNAYDRLLQQLALKIAQENDFQDLVHEGVYAFNGGPTYESPDESNMLLKLGCDVVGMSTVPEVIIACHCGIK
VLAVSLIANNSILDAENDVSINHEKVLAVAEKRADLLQMWFKEIITRLPLD
;
_entity_poly.pdbx_strand_id   A
#
# COMPACT_ATOMS: atom_id res chain seq x y z
N VAL A 5 -6.69 6.17 -21.25
CA VAL A 5 -7.79 6.28 -20.29
C VAL A 5 -7.41 7.17 -19.11
N VAL A 6 -8.04 8.35 -19.02
CA VAL A 6 -7.78 9.29 -17.94
C VAL A 6 -8.54 8.86 -16.70
N ALA A 7 -7.96 9.14 -15.53
CA ALA A 7 -8.62 8.72 -14.28
C ALA A 7 -9.53 9.86 -13.81
N ASN A 8 -10.57 10.10 -14.62
CA ASN A 8 -11.51 11.19 -14.39
C ASN A 8 -12.82 10.66 -13.83
N TYR A 9 -13.67 11.61 -13.45
CA TYR A 9 -14.92 11.32 -12.75
C TYR A 9 -15.79 10.37 -13.58
N GLU A 10 -15.88 10.59 -14.89
CA GLU A 10 -16.79 9.78 -15.70
C GLU A 10 -16.24 8.38 -15.92
N ASN A 11 -14.93 8.25 -16.17
CA ASN A 11 -14.37 6.92 -16.40
C ASN A 11 -14.41 6.08 -15.13
N ALA A 12 -14.22 6.71 -13.96
CA ALA A 12 -14.27 5.97 -12.71
C ALA A 12 -15.71 5.63 -12.33
N SER A 13 -16.65 6.53 -12.64
CA SER A 13 -18.07 6.25 -12.39
C SER A 13 -18.55 5.07 -13.25
N MET A 14 -18.06 4.98 -14.48
CA MET A 14 -18.40 3.85 -15.34
C MET A 14 -17.91 2.53 -14.73
N ALA A 15 -16.72 2.51 -14.14
CA ALA A 15 -16.22 1.27 -13.52
C ALA A 15 -17.04 0.92 -12.27
N ALA A 16 -17.31 1.92 -11.43
CA ALA A 16 -18.06 1.67 -10.21
C ALA A 16 -19.47 1.20 -10.50
N ASP A 17 -20.11 1.74 -11.55
CA ASP A 17 -21.42 1.22 -11.95
C ASP A 17 -21.38 -0.29 -12.19
N TYR A 18 -20.30 -0.79 -12.80
CA TYR A 18 -20.21 -2.23 -13.12
C TYR A 18 -20.02 -3.06 -11.85
N ILE A 19 -19.11 -2.62 -10.99
CA ILE A 19 -18.82 -3.34 -9.75
C ILE A 19 -20.07 -3.46 -8.87
N LYS A 20 -20.75 -2.36 -8.64
CA LYS A 20 -21.95 -2.41 -7.79
C LYS A 20 -22.98 -3.39 -8.36
N ARG A 21 -23.09 -3.44 -9.69
CA ARG A 21 -24.07 -4.31 -10.33
C ARG A 21 -23.75 -5.78 -10.13
N VAL A 22 -22.50 -6.12 -9.81
CA VAL A 22 -22.05 -7.50 -9.78
C VAL A 22 -21.90 -7.99 -8.34
N SER A 23 -21.58 -7.10 -7.41
CA SER A 23 -21.18 -7.52 -6.07
C SER A 23 -22.30 -7.40 -5.03
N ASN A 24 -23.11 -6.35 -5.09
CA ASN A 24 -24.12 -6.09 -4.07
C ASN A 24 -23.48 -5.85 -2.71
N VAL A 25 -22.34 -5.17 -2.69
CA VAL A 25 -21.67 -4.76 -1.47
C VAL A 25 -21.26 -3.31 -1.63
N LEU A 26 -21.48 -2.51 -0.58
CA LEU A 26 -21.00 -1.14 -0.51
C LEU A 26 -19.96 -1.07 0.59
N PRO A 27 -18.68 -1.08 0.24
CA PRO A 27 -17.63 -1.15 1.25
C PRO A 27 -17.27 0.20 1.85
N ASP A 28 -16.84 0.13 3.11
CA ASP A 28 -16.43 1.26 3.91
C ASP A 28 -14.92 1.36 4.01
N ILE A 29 -14.23 0.26 3.68
CA ILE A 29 -12.83 0.01 4.00
C ILE A 29 -12.19 -0.64 2.77
N GLY A 30 -11.01 -0.16 2.42
CA GLY A 30 -10.25 -0.71 1.32
C GLY A 30 -8.95 -1.27 1.85
N ILE A 31 -8.45 -2.31 1.17
CA ILE A 31 -7.18 -2.92 1.56
C ILE A 31 -6.35 -3.19 0.31
N ILE A 32 -5.06 -2.91 0.41
CA ILE A 32 -4.09 -3.24 -0.64
C ILE A 32 -2.95 -3.98 0.04
N GLY A 34 0.55 -6.41 0.27
CA GLY A 34 1.87 -6.54 -0.33
C GLY A 34 2.20 -7.96 -0.74
N SER A 35 3.33 -8.16 -1.42
CA SER A 35 3.60 -9.45 -2.07
C SER A 35 3.87 -10.54 -1.03
N GLY A 36 3.18 -11.69 -1.20
CA GLY A 36 3.20 -12.77 -0.22
C GLY A 36 2.42 -12.52 1.04
N LEU A 37 1.65 -11.42 1.11
CA LEU A 37 0.97 -11.01 2.34
C LEU A 37 -0.53 -10.88 2.17
N GLY A 38 -1.10 -11.54 1.15
CA GLY A 38 -2.50 -11.33 0.82
C GLY A 38 -3.41 -12.45 1.31
N LYS A 39 -2.92 -13.28 2.22
CA LYS A 39 -3.70 -14.43 2.63
C LYS A 39 -5.04 -14.01 3.21
N LEU A 40 -5.09 -12.82 3.82
CA LEU A 40 -6.34 -12.39 4.41
C LEU A 40 -7.47 -12.34 3.39
N ILE A 41 -7.16 -12.02 2.13
CA ILE A 41 -8.15 -11.85 1.06
C ILE A 41 -8.86 -13.15 0.70
N GLU A 42 -8.28 -14.30 1.02
CA GLU A 42 -8.98 -15.57 0.85
C GLU A 42 -9.93 -15.88 2.00
N GLU A 43 -9.67 -15.30 3.17
CA GLU A 43 -10.54 -15.37 4.33
C GLU A 43 -11.76 -14.43 4.24
N ILE A 44 -11.89 -13.60 3.19
CA ILE A 44 -13.05 -12.72 3.09
C ILE A 44 -14.30 -13.58 2.91
N GLU A 45 -15.35 -13.25 3.67
CA GLU A 45 -16.59 -14.03 3.66
C GLU A 45 -17.59 -13.43 2.66
N GLU A 46 -18.46 -14.30 2.14
CA GLU A 46 -19.51 -13.89 1.20
C GLU A 46 -18.93 -13.08 0.04
N ARG A 47 -17.94 -13.65 -0.63
CA ARG A 47 -17.10 -12.90 -1.58
C ARG A 47 -17.73 -12.79 -2.95
N LYS A 48 -17.33 -11.73 -3.67
CA LYS A 48 -17.32 -11.69 -5.13
C LYS A 48 -15.91 -11.37 -5.59
N VAL A 49 -15.38 -12.21 -6.47
CA VAL A 49 -14.07 -11.97 -7.11
C VAL A 49 -14.30 -11.44 -8.51
N ILE A 50 -13.68 -10.30 -8.82
CA ILE A 50 -13.86 -9.63 -10.11
C ILE A 50 -12.51 -9.42 -10.80
N PRO A 51 -12.17 -10.15 -11.86
CA PRO A 51 -10.93 -9.84 -12.59
C PRO A 51 -10.91 -8.39 -13.09
N TYR A 52 -9.74 -7.74 -13.00
CA TYR A 52 -9.59 -6.38 -13.53
C TYR A 52 -9.98 -6.33 -15.01
N ILE A 53 -9.65 -7.37 -15.76
CA ILE A 53 -9.88 -7.34 -17.19
C ILE A 53 -11.35 -7.22 -17.52
N ASN A 54 -12.24 -7.58 -16.59
CA ASN A 54 -13.68 -7.49 -16.84
C ASN A 54 -14.28 -6.13 -16.44
N ILE A 55 -13.54 -5.24 -15.78
CA ILE A 55 -14.10 -3.99 -15.26
C ILE A 55 -13.84 -2.88 -16.29
N PRO A 56 -14.86 -2.15 -16.73
CA PRO A 56 -14.64 -1.04 -17.68
C PRO A 56 -13.62 -0.04 -17.16
N ASN A 57 -12.70 0.35 -18.04
CA ASN A 57 -11.72 1.41 -17.79
C ASN A 57 -10.67 1.03 -16.77
N PHE A 58 -10.67 -0.19 -16.25
CA PHE A 58 -9.56 -0.60 -15.41
C PHE A 58 -8.33 -0.80 -16.30
N PRO A 59 -7.13 -0.49 -15.80
CA PRO A 59 -5.93 -0.61 -16.64
C PRO A 59 -5.64 -2.05 -17.06
N LYS A 60 -5.14 -2.18 -18.27
CA LYS A 60 -4.70 -3.45 -18.82
C LYS A 60 -3.43 -3.90 -18.09
N THR A 61 -3.43 -5.13 -17.56
CA THR A 61 -2.23 -5.63 -16.87
C THR A 61 -1.72 -6.95 -17.44
N THR A 62 -2.03 -7.25 -18.71
CA THR A 62 -1.64 -8.51 -19.33
C THR A 62 -0.15 -8.56 -19.68
N VAL A 63 0.56 -7.43 -19.65
CA VAL A 63 1.99 -7.50 -19.94
C VAL A 63 2.75 -8.04 -18.72
N ALA A 64 2.56 -7.40 -17.57
CA ALA A 64 3.17 -7.88 -16.33
C ALA A 64 2.64 -9.26 -15.95
N GLY A 65 1.36 -9.52 -16.21
CA GLY A 65 0.76 -10.82 -15.90
C GLY A 65 0.47 -10.97 -14.42
N HIS A 66 0.27 -12.22 -14.01
CA HIS A 66 0.00 -12.56 -12.62
C HIS A 66 -1.39 -12.09 -12.18
N VAL A 67 -1.76 -12.37 -10.93
CA VAL A 67 -3.14 -12.18 -10.50
C VAL A 67 -3.52 -10.70 -10.55
N GLY A 68 -4.76 -10.44 -10.97
CA GLY A 68 -5.30 -9.08 -10.95
C GLY A 68 -6.79 -9.06 -10.72
N ASN A 69 -7.22 -9.07 -9.44
CA ASN A 69 -8.62 -9.22 -9.03
C ASN A 69 -9.02 -8.16 -8.00
N LEU A 70 -10.27 -7.73 -8.09
CA LEU A 70 -10.95 -6.96 -7.05
C LEU A 70 -11.84 -7.94 -6.28
N VAL A 71 -11.73 -7.94 -4.94
CA VAL A 71 -12.47 -8.89 -4.11
C VAL A 71 -13.27 -8.11 -3.06
N LEU A 72 -14.57 -8.38 -2.99
CA LEU A 72 -15.48 -7.63 -2.14
C LEU A 72 -16.17 -8.61 -1.21
N GLY A 73 -16.24 -8.27 0.07
CA GLY A 73 -16.89 -9.14 1.02
C GLY A 73 -16.90 -8.58 2.42
N SER A 74 -16.87 -9.45 3.43
CA SER A 74 -17.06 -9.07 4.84
C SER A 74 -15.91 -9.62 5.68
N VAL A 75 -15.35 -8.77 6.54
CA VAL A 75 -14.36 -9.20 7.52
C VAL A 75 -14.77 -8.63 8.88
N GLY A 76 -14.82 -9.50 9.88
CA GLY A 76 -15.23 -9.04 11.19
C GLY A 76 -16.54 -8.28 11.18
N GLY A 77 -17.47 -8.64 10.30
CA GLY A 77 -18.72 -7.91 10.17
C GLY A 77 -18.63 -6.55 9.47
N ARG A 78 -17.52 -6.24 8.82
CA ARG A 78 -17.35 -4.97 8.11
C ARG A 78 -17.31 -5.23 6.62
N LYS A 79 -17.73 -4.24 5.81
CA LYS A 79 -17.83 -4.40 4.36
C LYS A 79 -16.58 -3.82 3.70
N ILE A 80 -15.84 -4.64 2.94
CA ILE A 80 -14.54 -4.22 2.44
C ILE A 80 -14.41 -4.53 0.94
N VAL A 81 -13.38 -3.92 0.36
CA VAL A 81 -12.96 -4.17 -1.02
C VAL A 81 -11.44 -4.22 -1.05
N ALA A 82 -10.90 -5.22 -1.74
CA ALA A 82 -9.46 -5.47 -1.78
C ALA A 82 -8.93 -5.49 -3.22
N MET A 83 -7.73 -4.96 -3.41
CA MET A 83 -7.00 -5.15 -4.65
C MET A 83 -6.08 -6.36 -4.47
N GLN A 84 -6.34 -7.43 -5.21
CA GLN A 84 -5.55 -8.67 -5.17
C GLN A 84 -4.64 -8.64 -6.39
N GLY A 85 -3.41 -8.18 -6.20
CA GLY A 85 -2.54 -7.84 -7.32
C GLY A 85 -2.37 -6.34 -7.46
N ARG A 86 -1.29 -5.84 -6.90
CA ARG A 86 -1.06 -4.41 -6.82
C ARG A 86 -0.31 -3.94 -8.06
N LEU A 87 -0.65 -2.74 -8.52
CA LEU A 87 -0.01 -2.11 -9.68
C LEU A 87 1.21 -1.32 -9.21
N HIS A 88 2.37 -1.58 -9.81
CA HIS A 88 3.65 -0.97 -9.44
C HIS A 88 4.16 -0.06 -10.55
N MET A 89 4.66 1.11 -10.17
CA MET A 89 5.05 2.09 -11.17
C MET A 89 6.32 1.69 -11.92
N TYR A 90 7.18 0.85 -11.32
CA TYR A 90 8.34 0.33 -12.06
C TYR A 90 7.96 -0.58 -13.22
N GLU A 91 6.70 -1.02 -13.33
CA GLU A 91 6.26 -1.80 -14.50
C GLU A 91 6.01 -0.95 -15.74
N GLY A 92 5.91 0.37 -15.57
CA GLY A 92 5.65 1.30 -16.66
C GLY A 92 4.23 1.84 -16.75
N TYR A 93 3.39 1.55 -15.75
CA TYR A 93 2.04 2.13 -15.69
C TYR A 93 2.09 3.64 -15.53
N SER A 94 1.19 4.35 -16.22
CA SER A 94 1.18 5.80 -16.10
C SER A 94 0.46 6.22 -14.81
N ASN A 95 0.57 7.52 -14.52
CA ASN A 95 -0.16 8.15 -13.41
C ASN A 95 -1.64 7.80 -13.45
N GLN A 96 -2.24 7.87 -14.63
CA GLN A 96 -3.69 7.64 -14.74
C GLN A 96 -4.07 6.21 -14.41
N GLU A 97 -3.19 5.26 -14.74
CA GLU A 97 -3.48 3.85 -14.51
C GLU A 97 -3.45 3.50 -13.03
N ILE A 98 -2.50 4.08 -12.30
CA ILE A 98 -2.40 3.82 -10.86
C ILE A 98 -3.59 4.43 -10.14
N ALA A 99 -4.00 5.64 -10.54
CA ALA A 99 -4.96 6.44 -9.77
C ALA A 99 -6.37 5.91 -9.89
N LEU A 100 -6.74 5.33 -11.03
CA LEU A 100 -8.15 5.01 -11.27
C LEU A 100 -8.70 4.02 -10.26
N PRO A 101 -8.04 2.89 -9.95
CA PRO A 101 -8.62 1.98 -8.94
C PRO A 101 -8.85 2.63 -7.58
N ILE A 102 -7.96 3.52 -7.15
CA ILE A 102 -8.18 4.20 -5.89
C ILE A 102 -9.40 5.12 -5.99
N ARG A 103 -9.54 5.82 -7.11
CA ARG A 103 -10.66 6.75 -7.23
C ARG A 103 -11.96 5.98 -7.36
N VAL A 104 -11.93 4.76 -7.92
CA VAL A 104 -13.13 3.92 -7.91
C VAL A 104 -13.47 3.47 -6.49
N MET A 105 -12.46 3.10 -5.69
CA MET A 105 -12.70 2.83 -4.28
C MET A 105 -13.48 3.96 -3.63
N LYS A 106 -13.08 5.20 -3.91
CA LYS A 106 -13.71 6.37 -3.31
C LYS A 106 -15.17 6.44 -3.69
N LEU A 107 -15.48 6.25 -4.97
CA LEU A 107 -16.87 6.34 -5.41
C LEU A 107 -17.71 5.19 -4.87
N LEU A 108 -17.07 4.08 -4.52
CA LEU A 108 -17.77 2.97 -3.96
C LEU A 108 -18.06 3.17 -2.48
N GLY A 109 -17.47 4.20 -1.89
CA GLY A 109 -17.72 4.55 -0.51
C GLY A 109 -16.59 4.32 0.45
N VAL A 110 -15.39 3.98 -0.02
CA VAL A 110 -14.29 3.70 0.89
C VAL A 110 -13.92 4.98 1.63
N ARG A 111 -13.86 4.91 2.97
CA ARG A 111 -13.44 6.00 3.83
C ARG A 111 -12.10 5.78 4.50
N VAL A 112 -11.64 4.53 4.61
CA VAL A 112 -10.36 4.16 5.22
C VAL A 112 -9.67 3.15 4.31
N LEU A 113 -8.36 3.33 4.05
CA LEU A 113 -7.53 2.41 3.25
C LEU A 113 -6.36 1.89 4.10
N LEU A 114 -6.21 0.55 4.16
CA LEU A 114 -5.15 -0.11 4.92
C LEU A 114 -4.20 -0.80 3.93
N ILE A 115 -2.89 -0.57 4.09
CA ILE A 115 -1.88 -0.92 3.09
C ILE A 115 -0.72 -1.62 3.79
N THR A 116 -0.22 -2.70 3.20
CA THR A 116 1.03 -3.34 3.64
C THR A 116 2.00 -3.46 2.45
N ASN A 117 3.30 -3.51 2.76
CA ASN A 117 4.32 -3.68 1.74
C ASN A 117 5.56 -4.30 2.38
N LEU A 118 6.51 -4.64 1.52
CA LEU A 118 7.84 -5.11 1.90
C LEU A 118 8.86 -4.00 1.67
N ALA A 119 9.80 -3.83 2.60
CA ALA A 119 10.74 -2.71 2.51
C ALA A 119 12.13 -3.11 3.01
N GLY A 120 13.14 -2.31 2.64
CA GLY A 120 14.49 -2.50 3.20
C GLY A 120 14.64 -1.60 4.41
N GLY A 121 15.36 -2.08 5.43
CA GLY A 121 15.63 -1.25 6.63
C GLY A 121 16.87 -0.40 6.47
N ILE A 122 16.75 0.87 6.89
CA ILE A 122 17.83 1.86 6.87
C ILE A 122 18.25 2.25 8.29
N ASN A 123 17.28 2.50 9.15
CA ASN A 123 17.57 2.77 10.56
C ASN A 123 18.29 1.57 11.18
N ARG A 124 19.37 1.85 11.93
CA ARG A 124 20.28 0.79 12.38
C ARG A 124 19.61 -0.23 13.30
N LYS A 125 18.60 0.19 14.05
CA LYS A 125 17.95 -0.67 15.05
C LYS A 125 16.89 -1.58 14.45
N LEU A 126 16.62 -1.47 13.15
CA LEU A 126 15.61 -2.29 12.50
C LEU A 126 16.22 -3.60 12.02
N LYS A 127 15.48 -4.69 12.21
CA LYS A 127 15.91 -6.04 11.88
C LYS A 127 14.89 -6.69 10.95
N SER A 128 15.39 -7.54 10.07
CA SER A 128 14.60 -8.54 9.39
C SER A 128 13.38 -9.01 10.18
N GLY A 129 12.19 -8.86 9.61
CA GLY A 129 10.97 -9.31 10.26
C GLY A 129 10.29 -8.31 11.19
N ASP A 130 10.91 -7.15 11.43
CA ASP A 130 10.23 -6.09 12.18
C ASP A 130 9.15 -5.44 11.31
N PHE A 131 8.19 -4.79 11.98
CA PHE A 131 7.17 -3.98 11.31
C PHE A 131 7.41 -2.50 11.62
N VAL A 132 7.01 -1.65 10.67
CA VAL A 132 7.18 -0.20 10.79
C VAL A 132 5.85 0.47 10.38
N LEU A 133 5.19 1.12 11.34
CA LEU A 133 4.06 2.01 11.07
C LEU A 133 4.55 3.27 10.38
N ILE A 134 4.17 3.52 9.12
CA ILE A 134 4.71 4.68 8.40
C ILE A 134 4.03 5.95 8.92
N LYS A 135 4.84 6.95 9.28
CA LYS A 135 4.34 8.24 9.75
C LYS A 135 4.66 9.44 8.85
N GLY A 136 5.44 9.24 7.78
CA GLY A 136 5.71 10.26 6.78
C GLY A 136 6.59 9.64 5.69
N HIS A 137 6.85 10.40 4.62
CA HIS A 137 7.63 9.83 3.54
C HIS A 137 8.52 10.87 2.87
N ILE A 138 9.48 10.36 2.10
CA ILE A 138 10.31 11.18 1.20
C ILE A 138 10.10 10.64 -0.22
N ASN A 139 9.53 11.47 -1.09
CA ASN A 139 8.97 11.00 -2.35
C ASN A 139 9.93 11.43 -3.46
N PHE A 140 10.99 10.62 -3.68
CA PHE A 140 12.00 11.03 -4.66
C PHE A 140 11.39 11.19 -6.05
N PRO A 141 10.52 10.30 -6.54
CA PRO A 141 9.84 10.58 -7.81
C PRO A 141 9.11 11.92 -7.79
N GLY A 142 8.45 12.27 -6.68
CA GLY A 142 7.71 13.54 -6.67
C GLY A 142 8.61 14.75 -6.75
N LEU A 143 9.71 14.75 -6.00
CA LEU A 143 10.65 15.86 -6.12
C LEU A 143 11.16 15.98 -7.56
N GLY A 144 11.28 14.84 -8.25
CA GLY A 144 11.88 14.72 -9.56
C GLY A 144 10.95 14.80 -10.78
N LEU A 145 9.75 15.37 -10.61
CA LEU A 145 8.72 15.58 -11.66
C LEU A 145 8.05 14.29 -12.16
N ASN A 146 8.09 13.21 -11.36
CA ASN A 146 7.29 11.99 -11.60
C ASN A 146 6.26 11.73 -10.47
N ASN A 147 5.78 12.79 -9.79
CA ASN A 147 4.67 12.66 -8.84
C ASN A 147 3.47 12.00 -9.52
N VAL A 148 2.74 11.15 -8.77
CA VAL A 148 1.56 10.49 -9.34
C VAL A 148 0.45 11.47 -9.72
N LEU A 149 0.51 12.72 -9.23
CA LEU A 149 -0.47 13.75 -9.57
C LEU A 149 -0.04 14.69 -10.70
N VAL A 150 1.15 14.50 -11.30
CA VAL A 150 1.54 15.31 -12.45
C VAL A 150 0.57 15.08 -13.59
N GLY A 151 0.07 16.19 -14.15
CA GLY A 151 -0.97 16.16 -15.16
C GLY A 151 -2.08 17.11 -14.74
N PRO A 152 -3.13 17.21 -15.54
CA PRO A 152 -4.26 18.06 -15.14
C PRO A 152 -4.88 17.57 -13.83
N ASN A 153 -5.33 18.49 -13.00
CA ASN A 153 -6.06 18.11 -11.79
C ASN A 153 -7.48 17.70 -12.13
N GLN A 154 -7.94 16.60 -11.54
CA GLN A 154 -9.36 16.22 -11.61
C GLN A 154 -10.08 16.87 -10.42
N ASP A 155 -10.67 18.04 -10.66
CA ASP A 155 -11.16 18.84 -9.53
C ASP A 155 -12.25 18.13 -8.74
N GLU A 156 -12.98 17.20 -9.35
CA GLU A 156 -14.05 16.54 -8.62
C GLU A 156 -13.51 15.68 -7.50
N PHE A 157 -12.26 15.29 -7.56
CA PHE A 157 -11.74 14.40 -6.55
C PHE A 157 -10.99 15.12 -5.44
N GLY A 158 -10.31 16.24 -5.77
CA GLY A 158 -9.51 16.93 -4.79
C GLY A 158 -8.82 18.16 -5.34
N PRO A 159 -7.98 18.79 -4.50
CA PRO A 159 -7.38 20.08 -4.85
C PRO A 159 -6.13 19.96 -5.73
N ARG A 160 -5.77 21.08 -6.38
CA ARG A 160 -4.59 21.10 -7.25
C ARG A 160 -3.31 20.83 -6.44
N PHE A 161 -3.25 21.38 -5.23
CA PHE A 161 -2.03 21.40 -4.40
C PHE A 161 -2.31 20.77 -3.04
N PRO A 162 -2.30 19.44 -2.91
CA PRO A 162 -2.65 18.84 -1.62
C PRO A 162 -1.56 18.95 -0.56
N ASP A 163 -2.01 18.99 0.69
CA ASP A 163 -1.18 18.97 1.88
C ASP A 163 -1.11 17.53 2.37
N LEU A 164 0.10 17.00 2.47
CA LEU A 164 0.32 15.62 2.89
C LEU A 164 0.67 15.44 4.37
N SER A 165 0.50 16.47 5.18
CA SER A 165 0.98 16.43 6.56
C SER A 165 0.19 15.50 7.47
N ASN A 166 -1.06 15.20 7.16
CA ASN A 166 -1.78 14.16 7.88
C ASN A 166 -2.19 13.00 6.97
N ALA A 167 -1.39 12.74 5.92
CA ALA A 167 -1.71 11.63 5.03
C ALA A 167 -1.70 10.28 5.75
N TYR A 168 -0.95 10.12 6.84
CA TYR A 168 -0.88 8.88 7.63
C TYR A 168 -1.57 9.13 8.98
N ASP A 169 -2.84 8.69 9.08
CA ASP A 169 -3.71 9.09 10.20
C ASP A 169 -3.10 8.65 11.51
N ARG A 170 -3.02 9.59 12.45
CA ARG A 170 -2.38 9.31 13.71
C ARG A 170 -3.22 8.35 14.58
N LEU A 171 -4.56 8.47 14.54
CA LEU A 171 -5.41 7.60 15.37
C LEU A 171 -5.38 6.16 14.86
N LEU A 172 -5.16 5.95 13.55
CA LEU A 172 -5.03 4.59 13.04
C LEU A 172 -3.70 3.95 13.48
N GLN A 173 -2.63 4.74 13.52
CA GLN A 173 -1.35 4.23 14.00
C GLN A 173 -1.44 3.81 15.46
N GLN A 174 -2.11 4.61 16.29
CA GLN A 174 -2.34 4.27 17.69
C GLN A 174 -3.16 2.99 17.83
N LEU A 175 -4.20 2.84 17.02
CA LEU A 175 -5.05 1.66 17.15
C LEU A 175 -4.25 0.42 16.81
N ALA A 176 -3.41 0.52 15.79
CA ALA A 176 -2.57 -0.61 15.40
C ALA A 176 -1.61 -0.99 16.50
N LEU A 177 -0.97 0.01 17.13
CA LEU A 177 -0.03 -0.31 18.19
C LEU A 177 -0.75 -0.90 19.39
N LYS A 178 -1.93 -0.37 19.74
CA LYS A 178 -2.69 -0.94 20.85
C LYS A 178 -2.98 -2.43 20.63
N ILE A 179 -3.23 -2.82 19.37
CA ILE A 179 -3.61 -4.21 19.11
C ILE A 179 -2.40 -5.12 19.28
N ALA A 180 -1.22 -4.65 18.87
CA ALA A 180 0.00 -5.42 19.03
C ALA A 180 0.40 -5.56 20.49
N GLN A 181 0.18 -4.50 21.28
CA GLN A 181 0.40 -4.59 22.73
C GLN A 181 -0.50 -5.63 23.38
N GLU A 182 -1.76 -5.71 22.95
CA GLU A 182 -2.69 -6.67 23.51
C GLU A 182 -2.22 -8.10 23.28
N ASN A 183 -1.49 -8.33 22.20
CA ASN A 183 -1.03 -9.66 21.81
C ASN A 183 0.46 -9.87 22.07
N ASP A 184 1.08 -9.00 22.84
CA ASP A 184 2.46 -9.20 23.28
C ASP A 184 3.43 -9.34 22.10
N PHE A 185 3.22 -8.58 20.99
CA PHE A 185 4.25 -8.48 19.95
C PHE A 185 4.63 -7.03 19.62
N GLN A 186 4.27 -6.10 20.50
CA GLN A 186 4.66 -4.69 20.37
C GLN A 186 6.15 -4.49 20.22
N ASP A 187 6.96 -5.46 20.66
CA ASP A 187 8.41 -5.34 20.55
C ASP A 187 8.88 -5.47 19.10
N LEU A 188 8.03 -5.94 18.19
CA LEU A 188 8.31 -5.97 16.77
C LEU A 188 7.87 -4.70 16.05
N VAL A 189 7.15 -3.80 16.71
CA VAL A 189 6.47 -2.69 16.03
C VAL A 189 7.22 -1.39 16.29
N HIS A 190 7.62 -0.72 15.19
CA HIS A 190 8.31 0.57 15.18
C HIS A 190 7.47 1.60 14.42
N GLU A 191 7.88 2.87 14.49
CA GLU A 191 7.38 3.91 13.60
C GLU A 191 8.55 4.47 12.81
N GLY A 192 8.30 4.99 11.59
CA GLY A 192 9.40 5.42 10.76
C GLY A 192 9.00 6.16 9.48
N VAL A 193 10.02 6.77 8.86
CA VAL A 193 9.91 7.51 7.61
C VAL A 193 10.30 6.60 6.44
N TYR A 194 9.41 6.48 5.45
CA TYR A 194 9.56 5.62 4.26
C TYR A 194 10.05 6.39 3.06
N ALA A 195 11.18 5.97 2.46
CA ALA A 195 11.69 6.56 1.22
C ALA A 195 11.17 5.76 0.03
N PHE A 196 10.62 6.46 -0.98
CA PHE A 196 10.12 5.85 -2.22
C PHE A 196 11.28 5.86 -3.22
N ASN A 197 11.86 4.68 -3.46
CA ASN A 197 12.79 4.40 -4.58
C ASN A 197 11.96 3.87 -5.76
N GLY A 198 11.89 4.60 -6.87
CA GLY A 198 11.06 4.14 -8.00
C GLY A 198 11.36 2.71 -8.45
N GLY A 199 12.60 2.27 -8.31
CA GLY A 199 13.01 0.93 -8.69
C GLY A 199 13.11 0.63 -10.20
N PRO A 200 13.22 -0.66 -10.59
CA PRO A 200 13.08 -1.90 -9.82
C PRO A 200 14.37 -2.48 -9.23
N THR A 201 15.54 -1.88 -9.48
CA THR A 201 16.75 -2.33 -8.79
C THR A 201 16.64 -2.07 -7.28
N TYR A 202 17.14 -3.02 -6.49
CA TYR A 202 17.26 -2.74 -5.06
C TYR A 202 18.14 -1.52 -4.81
N GLU A 203 17.84 -0.81 -3.72
CA GLU A 203 18.72 0.25 -3.24
C GLU A 203 20.18 -0.22 -3.25
N SER A 204 21.07 0.57 -3.86
CA SER A 204 22.50 0.21 -3.89
C SER A 204 23.15 0.45 -2.52
N PRO A 205 24.33 -0.11 -2.25
CA PRO A 205 24.96 0.14 -0.93
C PRO A 205 25.15 1.62 -0.66
N ASP A 206 25.54 2.39 -1.69
CA ASP A 206 25.78 3.83 -1.44
C ASP A 206 24.49 4.66 -1.45
N GLU A 207 23.45 4.21 -2.17
CA GLU A 207 22.14 4.81 -1.99
C GLU A 207 21.66 4.61 -0.54
N SER A 208 21.83 3.40 0.01
CA SER A 208 21.42 3.11 1.39
C SER A 208 22.11 4.03 2.40
N ASN A 209 23.44 4.16 2.27
CA ASN A 209 24.21 5.10 3.10
C ASN A 209 23.65 6.51 2.99
N MET A 210 23.32 6.94 1.77
CA MET A 210 22.74 8.28 1.59
C MET A 210 21.45 8.44 2.36
N LEU A 211 20.57 7.43 2.28
CA LEU A 211 19.24 7.54 2.88
C LEU A 211 19.33 7.64 4.41
N LEU A 212 20.29 6.94 5.01
CA LEU A 212 20.56 7.09 6.44
C LEU A 212 20.86 8.56 6.79
N LYS A 213 21.77 9.20 6.03
CA LYS A 213 22.13 10.60 6.24
C LYS A 213 20.91 11.51 6.15
N LEU A 214 19.93 11.15 5.34
CA LEU A 214 18.78 12.01 5.14
C LEU A 214 17.61 11.66 6.06
N GLY A 215 17.84 10.75 7.01
CA GLY A 215 16.90 10.46 8.07
C GLY A 215 15.80 9.48 7.73
N CYS A 216 16.00 8.63 6.70
CA CYS A 216 14.98 7.63 6.37
C CYS A 216 15.15 6.43 7.27
N ASP A 217 14.02 5.81 7.62
CA ASP A 217 14.01 4.59 8.41
C ASP A 217 13.86 3.34 7.57
N VAL A 218 13.12 3.40 6.44
CA VAL A 218 12.93 2.27 5.55
C VAL A 218 12.90 2.79 4.11
N VAL A 219 13.09 1.87 3.13
CA VAL A 219 13.00 2.20 1.71
C VAL A 219 12.25 1.09 0.94
N GLY A 220 11.45 1.46 -0.06
CA GLY A 220 10.77 0.51 -0.92
C GLY A 220 10.26 1.13 -2.20
N MET A 221 9.54 0.32 -2.99
CA MET A 221 9.21 0.69 -4.36
C MET A 221 7.70 0.84 -4.60
N SER A 222 6.89 1.04 -3.55
CA SER A 222 5.44 1.10 -3.69
C SER A 222 4.85 2.10 -2.68
N THR A 223 3.51 2.07 -2.56
CA THR A 223 2.73 2.65 -1.46
C THR A 223 2.55 4.18 -1.54
N VAL A 224 3.64 4.94 -1.76
CA VAL A 224 3.50 6.42 -1.81
C VAL A 224 2.55 6.87 -2.90
N PRO A 225 2.51 6.26 -4.09
CA PRO A 225 1.54 6.71 -5.12
C PRO A 225 0.11 6.54 -4.69
N GLU A 226 -0.24 5.36 -4.17
CA GLU A 226 -1.60 5.11 -3.67
C GLU A 226 -1.95 6.05 -2.50
N VAL A 227 -1.01 6.31 -1.61
CA VAL A 227 -1.27 7.19 -0.48
C VAL A 227 -1.61 8.60 -0.98
N ILE A 228 -0.87 9.09 -1.97
CA ILE A 228 -1.13 10.44 -2.46
C ILE A 228 -2.50 10.53 -3.14
N ILE A 229 -2.86 9.55 -3.98
CA ILE A 229 -4.19 9.59 -4.60
C ILE A 229 -5.29 9.50 -3.53
N ALA A 230 -5.12 8.65 -2.52
CA ALA A 230 -6.10 8.55 -1.44
C ALA A 230 -6.23 9.85 -0.66
N CYS A 231 -5.11 10.46 -0.29
CA CYS A 231 -5.13 11.72 0.49
C CYS A 231 -5.78 12.84 -0.31
N HIS A 232 -5.43 12.93 -1.60
CA HIS A 232 -6.05 13.87 -2.52
C HIS A 232 -7.56 13.85 -2.39
N CYS A 233 -8.17 12.67 -2.36
CA CYS A 233 -9.64 12.61 -2.35
C CYS A 233 -10.23 12.29 -0.97
N GLY A 234 -9.46 12.46 0.11
CA GLY A 234 -9.99 12.47 1.47
C GLY A 234 -10.20 11.13 2.12
N ILE A 235 -9.47 10.11 1.69
CA ILE A 235 -9.48 8.80 2.33
C ILE A 235 -8.36 8.74 3.37
N LYS A 236 -8.70 8.31 4.60
CA LYS A 236 -7.69 8.11 5.63
C LYS A 236 -6.85 6.85 5.34
N VAL A 237 -5.58 6.85 5.77
CA VAL A 237 -4.64 5.80 5.39
C VAL A 237 -3.87 5.30 6.62
N LEU A 238 -3.72 3.97 6.73
CA LEU A 238 -2.71 3.30 7.54
C LEU A 238 -1.84 2.46 6.61
N ALA A 239 -0.52 2.58 6.78
CA ALA A 239 0.45 1.88 5.94
C ALA A 239 1.49 1.22 6.83
N VAL A 240 1.77 -0.09 6.60
CA VAL A 240 2.70 -0.86 7.42
C VAL A 240 3.74 -1.55 6.53
N SER A 241 5.03 -1.33 6.81
CA SER A 241 6.10 -1.98 6.08
C SER A 241 6.57 -3.17 6.91
N LEU A 242 6.73 -4.31 6.25
CA LEU A 242 7.50 -5.43 6.77
C LEU A 242 8.95 -5.33 6.29
N ILE A 243 9.88 -5.25 7.26
CA ILE A 243 11.33 -5.18 7.00
C ILE A 243 11.85 -6.55 6.61
N ALA A 244 12.47 -6.63 5.43
CA ALA A 244 13.05 -7.88 4.97
C ALA A 244 14.59 -7.92 4.98
N ASN A 245 15.26 -6.82 5.28
CA ASN A 245 16.72 -6.83 5.47
C ASN A 245 17.09 -5.52 6.15
N ASN A 246 18.34 -5.43 6.63
CA ASN A 246 18.94 -4.13 6.95
C ASN A 246 19.94 -3.82 5.86
N SER A 247 19.60 -2.84 5.01
CA SER A 247 20.46 -2.47 3.90
C SER A 247 21.67 -1.67 4.37
N ILE A 248 21.59 -0.97 5.51
CA ILE A 248 22.78 -0.30 6.00
C ILE A 248 23.80 -1.34 6.43
N LEU A 249 23.35 -2.41 7.08
CA LEU A 249 24.32 -3.40 7.51
C LEU A 249 24.90 -4.16 6.31
N ASP A 250 24.07 -4.49 5.32
CA ASP A 250 24.58 -5.15 4.13
C ASP A 250 25.69 -4.30 3.50
N ALA A 251 25.50 -2.98 3.47
CA ALA A 251 26.49 -2.09 2.86
C ALA A 251 27.80 -2.11 3.62
N GLU A 252 27.76 -2.06 4.96
CA GLU A 252 28.98 -2.06 5.77
C GLU A 252 29.71 -3.39 5.71
N ASN A 253 28.99 -4.50 5.53
CA ASN A 253 29.59 -5.83 5.50
C ASN A 253 29.75 -6.42 4.08
N ASP A 254 29.40 -5.69 3.02
CA ASP A 254 29.56 -6.16 1.64
C ASP A 254 28.74 -7.44 1.40
N VAL A 255 27.46 -7.39 1.76
CA VAL A 255 26.54 -8.51 1.65
C VAL A 255 25.48 -8.17 0.62
N SER A 256 24.88 -9.20 0.03
CA SER A 256 23.90 -9.05 -1.03
C SER A 256 22.47 -9.24 -0.55
N ILE A 257 21.54 -8.49 -1.14
CA ILE A 257 20.10 -8.72 -1.01
C ILE A 257 19.62 -9.48 -2.25
N ASN A 258 18.47 -10.16 -2.11
CA ASN A 258 17.85 -10.79 -3.29
C ASN A 258 16.39 -11.12 -3.03
N HIS A 259 15.67 -11.39 -4.13
CA HIS A 259 14.22 -11.56 -4.05
C HIS A 259 13.84 -12.81 -3.24
N GLU A 260 14.67 -13.87 -3.31
CA GLU A 260 14.33 -15.13 -2.62
C GLU A 260 14.44 -14.97 -1.10
N LYS A 261 15.45 -14.24 -0.62
CA LYS A 261 15.55 -13.94 0.81
C LYS A 261 14.38 -13.09 1.27
N VAL A 262 13.93 -12.17 0.41
CA VAL A 262 12.85 -11.26 0.75
C VAL A 262 11.53 -12.02 0.91
N LEU A 263 11.22 -12.89 -0.06
N LEU A 263 11.23 -12.90 -0.06
CA LEU A 263 9.94 -13.60 -0.02
CA LEU A 263 9.96 -13.61 -0.03
C LEU A 263 9.86 -14.55 1.17
C LEU A 263 9.87 -14.55 1.18
N ALA A 264 11.00 -15.05 1.65
CA ALA A 264 10.97 -15.96 2.80
C ALA A 264 10.59 -15.20 4.08
N VAL A 265 11.04 -13.96 4.20
CA VAL A 265 10.60 -13.14 5.33
C VAL A 265 9.09 -12.93 5.29
N ALA A 266 8.53 -12.62 4.13
CA ALA A 266 7.08 -12.48 4.05
C ALA A 266 6.39 -13.74 4.56
N GLU A 267 6.86 -14.90 4.09
CA GLU A 267 6.27 -16.17 4.54
C GLU A 267 6.34 -16.30 6.06
N LYS A 268 7.42 -15.82 6.66
CA LYS A 268 7.61 -16.01 8.10
C LYS A 268 6.61 -15.19 8.89
N ARG A 269 6.21 -14.02 8.37
CA ARG A 269 5.35 -13.09 9.08
C ARG A 269 3.91 -13.02 8.55
N ALA A 270 3.59 -13.75 7.48
CA ALA A 270 2.29 -13.58 6.84
C ALA A 270 1.12 -13.82 7.80
N ASP A 271 1.20 -14.84 8.65
CA ASP A 271 0.04 -15.22 9.44
C ASP A 271 -0.21 -14.24 10.59
N LEU A 272 0.87 -13.72 11.19
CA LEU A 272 0.73 -12.67 12.22
C LEU A 272 0.14 -11.38 11.62
N LEU A 273 0.59 -11.01 10.42
CA LEU A 273 0.06 -9.82 9.77
C LEU A 273 -1.41 -10.02 9.40
N GLN A 274 -1.75 -11.22 8.96
CA GLN A 274 -3.14 -11.55 8.65
C GLN A 274 -4.04 -11.31 9.85
N MET A 275 -3.62 -11.79 11.01
CA MET A 275 -4.44 -11.69 12.20
C MET A 275 -4.48 -10.27 12.75
N TRP A 276 -3.33 -9.58 12.68
CA TRP A 276 -3.27 -8.18 13.06
C TRP A 276 -4.28 -7.35 12.29
N PHE A 277 -4.28 -7.47 10.95
CA PHE A 277 -5.13 -6.63 10.12
C PHE A 277 -6.61 -7.03 10.19
N LYS A 278 -6.87 -8.30 10.45
CA LYS A 278 -8.24 -8.73 10.71
C LYS A 278 -8.82 -7.99 11.92
N GLU A 279 -8.05 -7.92 13.02
CA GLU A 279 -8.57 -7.26 14.22
C GLU A 279 -8.63 -5.74 14.03
N ILE A 280 -7.70 -5.16 13.27
CA ILE A 280 -7.75 -3.73 12.95
C ILE A 280 -9.04 -3.37 12.24
N ILE A 281 -9.40 -4.16 11.22
CA ILE A 281 -10.63 -3.96 10.48
C ILE A 281 -11.84 -4.03 11.43
N THR A 282 -11.90 -5.09 12.23
CA THR A 282 -13.00 -5.27 13.19
C THR A 282 -13.14 -4.06 14.10
N ARG A 283 -12.04 -3.39 14.45
CA ARG A 283 -12.07 -2.39 15.51
C ARG A 283 -11.93 -0.95 15.02
N LEU A 284 -12.04 -0.71 13.69
CA LEU A 284 -12.03 0.66 13.16
C LEU A 284 -13.30 1.39 13.58
N PRO A 285 -13.20 2.61 14.13
CA PRO A 285 -14.32 3.36 14.74
C PRO A 285 -15.65 3.22 13.99
#